data_8DS7
#
_entry.id   8DS7
#
_cell.length_a   37.010
_cell.length_b   88.490
_cell.length_c   128.700
_cell.angle_alpha   90.000
_cell.angle_beta   90.000
_cell.angle_gamma   90.000
#
_symmetry.space_group_name_H-M   'P 2 21 21'
#
loop_
_entity.id
_entity.type
_entity.pdbx_description
1 polymer 'IgG light chain Fab'
2 polymer 'IgG heavy chain Fab'
3 polymer 'ACNLIVEGHC peptide'
4 water water
#
loop_
_entity_poly.entity_id
_entity_poly.type
_entity_poly.pdbx_seq_one_letter_code
_entity_poly.pdbx_strand_id
1 'polypeptide(L)'
;DVLMTQTPLSLPVSLGDQASISCRSSQSIVHSNGNTYLEWYLQKPGQSPKLLIYKVSNRFSGVPDRFSGSGSGTDFTLKI
SRVEAEDLGVYYCFQGSHVPYTFGGGTKLEIKRADAAPTVSIFPPSSEQLTSGGASVVCFLNNFYPKDINVKWKIDGSER
QNGVLNSWTDQDSKDSTYSMSSTLTLTKDEYERHNSYTCEATHKTSTSPIVKSFNRNEC
;
L
2 'polypeptide(L)'
;EVQLQQSGPVLVKPGASVKMSCKASGYTFTDYYMNWVKQSHGKSLEWIGVINPYNGDTSYNQKFKGKATLTVDKSSSTAY
MELNSLTSEDSAVYYCARYYGSWFAYWGQGTLITVSTAKTTPPSVYPLAPGCGDATGSSVTLGCLVKGYFPESVTVTWNS
GSLSSSVHTFPALLQSGLYTMSSSVTVPSSTWPSQTVTCSVAHPASSTTVDKKLEP
;
H
3 'polypeptide(L)' ACNLIVEGHC M
#
# COMPACT_ATOMS: atom_id res chain seq x y z
N ASP A 1 6.40 15.08 23.87
CA ASP A 1 5.80 15.50 22.58
C ASP A 1 4.28 15.58 22.74
N VAL A 2 3.62 16.35 21.87
CA VAL A 2 2.17 16.42 21.87
C VAL A 2 1.62 15.14 21.24
N LEU A 3 0.77 14.43 21.98
CA LEU A 3 0.18 13.19 21.49
C LEU A 3 -1.16 13.49 20.83
N MET A 4 -1.36 12.94 19.63
CA MET A 4 -2.58 13.10 18.84
C MET A 4 -3.25 11.74 18.81
N THR A 5 -4.44 11.65 19.41
CA THR A 5 -5.16 10.38 19.54
C THR A 5 -6.42 10.43 18.68
N GLN A 6 -6.48 9.55 17.67
CA GLN A 6 -7.61 9.47 16.76
C GLN A 6 -8.53 8.32 17.12
N THR A 7 -9.83 8.53 16.94
CA THR A 7 -10.82 7.48 17.10
C THR A 7 -11.90 7.66 16.04
N PRO A 8 -12.46 6.56 15.50
CA PRO A 8 -12.11 5.16 15.75
C PRO A 8 -10.88 4.74 14.96
N LEU A 9 -10.31 3.55 15.20
CA LEU A 9 -9.23 3.07 14.35
C LEU A 9 -9.74 2.66 12.98
N SER A 10 -10.95 2.10 12.93
CA SER A 10 -11.60 1.70 11.68
C SER A 10 -13.01 2.25 11.68
N LEU A 11 -13.45 2.74 10.51
CA LEU A 11 -14.74 3.40 10.38
C LEU A 11 -15.47 2.87 9.15
N PRO A 12 -16.38 1.92 9.32
CA PRO A 12 -17.20 1.47 8.18
C PRO A 12 -18.38 2.41 7.94
N VAL A 13 -18.61 2.74 6.68
CA VAL A 13 -19.62 3.72 6.32
C VAL A 13 -20.21 3.37 4.97
N SER A 14 -21.53 3.54 4.86
CA SER A 14 -22.23 3.27 3.61
C SER A 14 -22.12 4.47 2.66
N LEU A 15 -22.24 4.19 1.37
CA LEU A 15 -22.29 5.26 0.39
C LEU A 15 -23.41 6.23 0.76
N GLY A 16 -23.12 7.53 0.70
CA GLY A 16 -24.07 8.55 1.07
C GLY A 16 -24.19 8.82 2.56
N ASP A 17 -23.67 7.93 3.40
CA ASP A 17 -23.62 8.17 4.84
C ASP A 17 -22.67 9.32 5.15
N GLN A 18 -22.70 9.74 6.41
CA GLN A 18 -21.72 10.68 6.95
C GLN A 18 -20.77 9.94 7.87
N ALA A 19 -19.47 10.21 7.73
CA ALA A 19 -18.44 9.66 8.60
C ALA A 19 -17.90 10.77 9.49
N SER A 20 -17.68 10.45 10.77
N SER A 20 -17.67 10.44 10.76
CA SER A 20 -17.12 11.38 11.73
CA SER A 20 -17.12 11.38 11.73
C SER A 20 -15.87 10.77 12.36
C SER A 20 -15.88 10.77 12.37
N ILE A 21 -14.77 11.50 12.30
CA ILE A 21 -13.48 11.07 12.84
C ILE A 21 -13.05 12.07 13.91
N SER A 22 -12.66 11.57 15.07
N SER A 22 -12.65 11.56 15.07
CA SER A 22 -12.28 12.40 16.20
CA SER A 22 -12.27 12.38 16.21
C SER A 22 -10.77 12.43 16.36
C SER A 22 -10.75 12.43 16.34
N CYS A 23 -10.25 13.60 16.72
CA CYS A 23 -8.83 13.80 17.00
C CYS A 23 -8.71 14.62 18.26
N ARG A 24 -8.02 14.06 19.27
CA ARG A 24 -7.78 14.75 20.53
C ARG A 24 -6.28 14.88 20.78
N SER A 25 -5.85 16.08 21.17
CA SER A 25 -4.45 16.37 21.46
C SER A 25 -4.21 16.36 22.97
N SER A 26 -2.99 16.01 23.36
CA SER A 26 -2.63 15.92 24.77
C SER A 26 -2.50 17.29 25.42
N GLN A 27 -2.50 18.35 24.63
CA GLN A 27 -2.41 19.72 25.12
C GLN A 27 -2.90 20.62 24.01
N SER A 28 -3.27 21.85 24.38
CA SER A 28 -3.90 22.75 23.44
C SER A 28 -3.04 22.95 22.19
N ILE A 29 -3.70 22.93 21.02
CA ILE A 29 -3.05 23.19 19.75
C ILE A 29 -3.14 24.65 19.34
N VAL A 30 -3.70 25.51 20.19
CA VAL A 30 -3.77 26.95 19.92
C VAL A 30 -2.38 27.54 20.17
N HIS A 31 -1.75 28.04 19.11
CA HIS A 31 -0.45 28.67 19.20
C HIS A 31 -0.56 30.02 19.92
N SER A 32 0.57 30.51 20.42
N SER A 32 0.58 30.49 20.42
CA SER A 32 0.57 31.80 21.08
CA SER A 32 0.63 31.80 21.07
C SER A 32 0.06 32.91 20.18
C SER A 32 0.04 32.88 20.17
N ASN A 33 0.26 32.78 18.86
CA ASN A 33 -0.21 33.81 17.93
C ASN A 33 -1.71 33.72 17.67
N GLY A 34 -2.41 32.75 18.26
CA GLY A 34 -3.84 32.65 18.15
C GLY A 34 -4.34 31.65 17.13
N ASN A 35 -3.48 31.22 16.22
CA ASN A 35 -3.84 30.23 15.22
C ASN A 35 -3.77 28.81 15.79
N THR A 36 -4.57 27.93 15.23
CA THR A 36 -4.64 26.52 15.61
C THR A 36 -4.21 25.70 14.40
N TYR A 37 -2.97 25.21 14.42
CA TYR A 37 -2.38 24.55 13.26
C TYR A 37 -2.72 23.06 13.30
N LEU A 38 -4.01 22.78 13.12
CA LEU A 38 -4.58 21.44 13.12
C LEU A 38 -5.03 21.13 11.70
N GLU A 39 -4.51 20.04 11.14
CA GLU A 39 -4.73 19.71 9.73
C GLU A 39 -5.22 18.28 9.60
N TRP A 40 -5.85 17.98 8.47
CA TRP A 40 -6.33 16.65 8.16
C TRP A 40 -5.82 16.21 6.80
N TYR A 41 -5.31 14.99 6.73
CA TYR A 41 -4.77 14.39 5.51
C TYR A 41 -5.49 13.08 5.21
N LEU A 42 -5.52 12.73 3.94
CA LEU A 42 -6.05 11.45 3.48
C LEU A 42 -4.95 10.75 2.69
N GLN A 43 -4.71 9.48 3.01
CA GLN A 43 -3.77 8.65 2.26
C GLN A 43 -4.55 7.48 1.67
N LYS A 44 -4.78 7.52 0.37
CA LYS A 44 -5.44 6.44 -0.33
C LYS A 44 -4.45 5.30 -0.60
N PRO A 45 -4.95 4.08 -0.74
CA PRO A 45 -4.04 2.93 -0.89
C PRO A 45 -3.06 3.15 -2.04
N GLY A 46 -1.79 2.96 -1.74
CA GLY A 46 -0.73 3.05 -2.74
C GLY A 46 -0.31 4.45 -3.11
N GLN A 47 -0.88 5.48 -2.49
CA GLN A 47 -0.61 6.86 -2.86
C GLN A 47 0.04 7.60 -1.69
N SER A 48 0.60 8.77 -2.03
CA SER A 48 1.07 9.69 -1.01
C SER A 48 -0.12 10.32 -0.30
N PRO A 49 0.07 10.79 0.93
CA PRO A 49 -0.98 11.58 1.59
C PRO A 49 -1.30 12.83 0.80
N LYS A 50 -2.51 13.36 1.05
CA LYS A 50 -3.00 14.58 0.42
C LYS A 50 -3.66 15.44 1.47
N LEU A 51 -3.43 16.75 1.38
CA LEU A 51 -4.02 17.68 2.33
C LEU A 51 -5.51 17.85 2.04
N LEU A 52 -6.33 17.75 3.10
CA LEU A 52 -7.74 18.05 3.03
C LEU A 52 -8.10 19.35 3.73
N ILE A 53 -7.69 19.51 4.99
CA ILE A 53 -8.12 20.62 5.82
C ILE A 53 -6.91 21.16 6.58
N TYR A 54 -6.82 22.48 6.66
CA TYR A 54 -5.78 23.16 7.44
C TYR A 54 -6.42 24.20 8.35
N LYS A 55 -5.69 24.57 9.39
CA LYS A 55 -6.20 25.47 10.43
C LYS A 55 -7.62 25.09 10.83
N VAL A 56 -7.78 23.82 11.16
CA VAL A 56 -9.00 23.25 11.74
C VAL A 56 -10.12 23.04 10.75
N SER A 57 -10.46 24.09 9.99
CA SER A 57 -11.70 24.06 9.23
C SER A 57 -11.58 24.57 7.79
N ASN A 58 -10.38 24.84 7.31
CA ASN A 58 -10.19 25.42 5.99
C ASN A 58 -9.89 24.31 4.98
N ARG A 59 -10.67 24.27 3.90
CA ARG A 59 -10.47 23.25 2.88
C ARG A 59 -9.39 23.69 1.90
N PHE A 60 -8.42 22.80 1.67
CA PHE A 60 -7.43 23.06 0.64
C PHE A 60 -8.09 23.13 -0.73
N SER A 61 -7.42 23.81 -1.67
CA SER A 61 -7.97 23.99 -3.00
C SER A 61 -8.38 22.67 -3.61
N GLY A 62 -9.61 22.62 -4.12
CA GLY A 62 -10.12 21.45 -4.79
C GLY A 62 -10.83 20.44 -3.90
N VAL A 63 -10.73 20.58 -2.59
CA VAL A 63 -11.40 19.68 -1.66
C VAL A 63 -12.87 20.07 -1.57
N PRO A 64 -13.81 19.17 -1.85
CA PRO A 64 -15.22 19.57 -1.91
C PRO A 64 -15.80 19.82 -0.52
N ASP A 65 -16.90 20.58 -0.49
CA ASP A 65 -17.43 21.07 0.78
C ASP A 65 -18.09 19.99 1.62
N ARG A 66 -18.17 18.74 1.14
CA ARG A 66 -18.68 17.69 2.00
C ARG A 66 -17.66 17.24 3.05
N PHE A 67 -16.41 17.68 2.92
CA PHE A 67 -15.41 17.53 3.96
C PHE A 67 -15.46 18.78 4.84
N SER A 68 -15.68 18.59 6.14
CA SER A 68 -15.73 19.73 7.05
C SER A 68 -14.94 19.41 8.30
N GLY A 69 -14.17 20.38 8.77
CA GLY A 69 -13.40 20.26 9.99
C GLY A 69 -13.93 21.21 11.05
N SER A 70 -13.97 20.75 12.29
CA SER A 70 -14.47 21.55 13.39
C SER A 70 -13.70 21.22 14.65
N GLY A 71 -14.01 21.92 15.73
CA GLY A 71 -13.38 21.71 17.01
C GLY A 71 -12.49 22.87 17.40
N SER A 72 -11.86 22.72 18.56
CA SER A 72 -10.99 23.76 19.09
C SER A 72 -10.18 23.20 20.25
N GLY A 73 -9.06 23.85 20.51
CA GLY A 73 -8.27 23.57 21.69
C GLY A 73 -7.59 22.22 21.64
N THR A 74 -8.24 21.20 22.20
CA THR A 74 -7.70 19.86 22.22
C THR A 74 -8.60 18.82 21.56
N ASP A 75 -9.75 19.20 21.02
CA ASP A 75 -10.70 18.23 20.48
C ASP A 75 -11.19 18.70 19.12
N PHE A 76 -11.02 17.84 18.11
CA PHE A 76 -11.27 18.20 16.72
C PHE A 76 -12.00 17.07 16.03
N THR A 77 -12.75 17.41 14.99
CA THR A 77 -13.56 16.44 14.28
C THR A 77 -13.52 16.71 12.79
N LEU A 78 -13.35 15.63 12.03
CA LEU A 78 -13.53 15.65 10.58
C LEU A 78 -14.82 14.92 10.26
N LYS A 79 -15.71 15.59 9.52
CA LYS A 79 -16.95 14.99 9.05
C LYS A 79 -16.90 14.91 7.53
N ILE A 80 -17.07 13.71 7.00
CA ILE A 80 -17.14 13.47 5.56
C ILE A 80 -18.59 13.13 5.23
N SER A 81 -19.29 14.07 4.60
CA SER A 81 -20.68 13.88 4.23
C SER A 81 -20.80 13.25 2.84
N ARG A 82 -21.93 12.61 2.59
CA ARG A 82 -22.23 11.98 1.30
C ARG A 82 -21.05 11.15 0.81
N VAL A 83 -20.66 10.19 1.66
CA VAL A 83 -19.47 9.40 1.39
C VAL A 83 -19.57 8.74 0.02
N GLU A 84 -18.44 8.75 -0.70
CA GLU A 84 -18.29 8.10 -1.99
C GLU A 84 -17.27 7.00 -1.87
N ALA A 85 -17.37 5.99 -2.77
CA ALA A 85 -16.51 4.82 -2.65
C ALA A 85 -15.04 5.21 -2.68
N GLU A 86 -14.70 6.28 -3.41
N GLU A 86 -14.69 6.27 -3.42
CA GLU A 86 -13.32 6.70 -3.54
CA GLU A 86 -13.30 6.70 -3.54
C GLU A 86 -12.79 7.44 -2.31
C GLU A 86 -12.78 7.40 -2.28
N ASP A 87 -13.62 7.62 -1.28
CA ASP A 87 -13.17 8.23 -0.03
C ASP A 87 -12.39 7.25 0.85
N LEU A 88 -12.33 5.97 0.48
CA LEU A 88 -11.71 4.99 1.35
C LEU A 88 -10.20 5.25 1.43
N GLY A 89 -9.65 4.97 2.60
CA GLY A 89 -8.25 5.19 2.87
C GLY A 89 -8.06 5.47 4.34
N VAL A 90 -6.89 6.01 4.68
CA VAL A 90 -6.55 6.30 6.06
C VAL A 90 -6.47 7.81 6.22
N TYR A 91 -7.28 8.35 7.13
CA TYR A 91 -7.31 9.77 7.45
C TYR A 91 -6.44 10.01 8.69
N TYR A 92 -5.65 11.09 8.61
CA TYR A 92 -4.72 11.47 9.68
C TYR A 92 -4.98 12.91 10.11
N CYS A 93 -5.04 13.14 11.42
CA CYS A 93 -4.93 14.51 11.90
C CYS A 93 -3.47 14.83 12.19
N PHE A 94 -3.17 16.12 12.33
CA PHE A 94 -1.79 16.57 12.42
C PHE A 94 -1.76 17.93 13.11
N GLN A 95 -0.78 18.13 13.98
CA GLN A 95 -0.58 19.44 14.61
C GLN A 95 0.81 19.95 14.29
N GLY A 96 0.88 21.22 13.84
CA GLY A 96 2.13 21.91 13.63
C GLY A 96 2.41 23.01 14.63
N SER A 97 1.62 23.13 15.70
CA SER A 97 1.79 24.22 16.64
C SER A 97 2.99 24.02 17.55
N HIS A 98 3.37 22.77 17.82
CA HIS A 98 4.43 22.45 18.76
C HIS A 98 5.47 21.56 18.10
N VAL A 99 6.74 21.90 18.28
CA VAL A 99 7.82 21.06 17.78
C VAL A 99 8.12 19.97 18.82
N PRO A 100 8.24 18.70 18.43
CA PRO A 100 8.12 18.18 17.06
C PRO A 100 6.66 18.09 16.61
N TYR A 101 6.40 18.40 15.35
CA TYR A 101 5.07 18.21 14.79
C TYR A 101 4.71 16.73 14.85
N THR A 102 3.45 16.44 15.11
CA THR A 102 3.02 15.07 15.33
C THR A 102 1.72 14.77 14.62
N PHE A 103 1.58 13.51 14.24
CA PHE A 103 0.42 12.98 13.55
C PHE A 103 -0.38 12.10 14.49
N GLY A 104 -1.70 12.08 14.28
CA GLY A 104 -2.52 11.03 14.82
C GLY A 104 -2.18 9.69 14.18
N GLY A 105 -2.69 8.63 14.79
CA GLY A 105 -2.38 7.28 14.36
C GLY A 105 -3.14 6.80 13.15
N GLY A 106 -4.13 7.55 12.71
CA GLY A 106 -4.87 7.17 11.52
C GLY A 106 -6.24 6.62 11.85
N THR A 107 -7.18 6.81 10.91
CA THR A 107 -8.49 6.19 10.92
C THR A 107 -8.74 5.63 9.53
N LYS A 108 -8.94 4.31 9.44
CA LYS A 108 -9.15 3.66 8.15
C LYS A 108 -10.63 3.68 7.83
N LEU A 109 -11.00 4.40 6.78
CA LEU A 109 -12.37 4.46 6.33
C LEU A 109 -12.62 3.28 5.40
N GLU A 110 -13.60 2.46 5.74
CA GLU A 110 -14.02 1.32 4.95
C GLU A 110 -15.43 1.56 4.41
N ILE A 111 -15.65 1.21 3.15
CA ILE A 111 -16.95 1.36 2.52
C ILE A 111 -17.77 0.10 2.79
N LYS A 112 -19.00 0.30 3.29
CA LYS A 112 -19.94 -0.79 3.46
C LYS A 112 -20.69 -1.00 2.17
N ARG A 113 -20.93 -2.27 1.82
CA ARG A 113 -21.68 -2.61 0.63
C ARG A 113 -22.40 -3.93 0.88
N ALA A 114 -23.23 -4.32 -0.07
CA ALA A 114 -23.96 -5.57 0.03
C ALA A 114 -22.99 -6.74 0.00
N ASP A 115 -23.39 -7.83 0.68
CA ASP A 115 -22.58 -9.04 0.66
C ASP A 115 -22.30 -9.47 -0.78
N ALA A 116 -21.09 -9.95 -1.00
CA ALA A 116 -20.66 -10.44 -2.31
C ALA A 116 -19.87 -11.72 -2.11
N ALA A 117 -20.31 -12.81 -2.73
CA ALA A 117 -19.63 -14.10 -2.58
C ALA A 117 -18.34 -14.10 -3.40
N PRO A 118 -17.29 -14.74 -2.89
CA PRO A 118 -16.03 -14.79 -3.65
C PRO A 118 -16.17 -15.70 -4.86
N THR A 119 -15.52 -15.29 -5.95
CA THR A 119 -15.27 -16.19 -7.07
C THR A 119 -13.94 -16.88 -6.81
N VAL A 120 -13.96 -18.20 -6.68
CA VAL A 120 -12.80 -18.97 -6.24
C VAL A 120 -12.25 -19.76 -7.43
N SER A 121 -10.94 -19.68 -7.63
CA SER A 121 -10.23 -20.39 -8.67
C SER A 121 -8.98 -21.03 -8.07
N ILE A 122 -8.68 -22.26 -8.46
CA ILE A 122 -7.54 -23.00 -7.94
C ILE A 122 -6.65 -23.40 -9.11
N PHE A 123 -5.33 -23.36 -8.88
CA PHE A 123 -4.37 -23.60 -9.95
C PHE A 123 -3.29 -24.56 -9.47
N PRO A 124 -2.95 -25.57 -10.28
CA PRO A 124 -1.85 -26.46 -9.92
C PRO A 124 -0.51 -25.76 -10.11
N PRO A 125 0.55 -26.32 -9.55
CA PRO A 125 1.90 -25.83 -9.90
C PRO A 125 2.16 -25.95 -11.38
N SER A 126 2.87 -24.97 -11.92
CA SER A 126 3.28 -25.01 -13.31
C SER A 126 4.35 -26.06 -13.51
N SER A 127 4.41 -26.60 -14.74
CA SER A 127 5.50 -27.50 -15.08
C SER A 127 6.85 -26.82 -14.87
N GLU A 128 6.92 -25.52 -15.16
CA GLU A 128 8.18 -24.79 -14.99
C GLU A 128 8.63 -24.81 -13.54
N GLN A 129 7.72 -24.51 -12.60
CA GLN A 129 8.09 -24.56 -11.19
C GLN A 129 8.50 -25.97 -10.78
N LEU A 130 7.77 -26.98 -11.26
CA LEU A 130 8.05 -28.36 -10.86
C LEU A 130 9.47 -28.74 -11.26
N THR A 131 9.92 -28.33 -12.45
CA THR A 131 11.28 -28.63 -12.85
C THR A 131 12.29 -28.05 -11.88
N SER A 132 11.95 -26.93 -11.24
CA SER A 132 12.85 -26.29 -10.28
C SER A 132 12.84 -26.97 -8.92
N GLY A 133 11.91 -27.90 -8.69
CA GLY A 133 11.86 -28.64 -7.45
C GLY A 133 10.79 -28.18 -6.47
N GLY A 134 10.07 -27.11 -6.80
CA GLY A 134 9.04 -26.57 -5.95
C GLY A 134 7.65 -26.80 -6.53
N ALA A 135 6.66 -26.55 -5.69
CA ALA A 135 5.27 -26.78 -6.08
C ALA A 135 4.39 -25.87 -5.26
N SER A 136 3.88 -24.81 -5.87
CA SER A 136 2.93 -23.90 -5.24
C SER A 136 1.55 -24.15 -5.82
N VAL A 137 0.57 -24.37 -4.94
CA VAL A 137 -0.83 -24.46 -5.33
C VAL A 137 -1.49 -23.16 -4.91
N VAL A 138 -2.18 -22.52 -5.85
CA VAL A 138 -2.67 -21.15 -5.65
C VAL A 138 -4.19 -21.13 -5.74
N CYS A 139 -4.83 -20.50 -4.77
N CYS A 139 -4.81 -20.38 -4.84
CA CYS A 139 -6.26 -20.21 -4.84
CA CYS A 139 -6.26 -20.21 -4.79
C CYS A 139 -6.45 -18.70 -4.82
C CYS A 139 -6.56 -18.72 -4.72
N PHE A 140 -7.29 -18.22 -5.72
CA PHE A 140 -7.68 -16.82 -5.78
C PHE A 140 -9.13 -16.77 -5.30
N LEU A 141 -9.42 -15.85 -4.39
CA LEU A 141 -10.80 -15.60 -3.92
C LEU A 141 -11.08 -14.14 -4.22
N ASN A 142 -11.86 -13.89 -5.27
CA ASN A 142 -11.93 -12.56 -5.86
C ASN A 142 -13.29 -11.90 -5.67
N ASN A 143 -13.25 -10.59 -5.40
CA ASN A 143 -14.41 -9.72 -5.42
C ASN A 143 -15.49 -10.16 -4.42
N PHE A 144 -15.10 -10.22 -3.15
CA PHE A 144 -16.01 -10.59 -2.08
C PHE A 144 -16.13 -9.49 -1.03
N TYR A 145 -17.20 -9.56 -0.25
CA TYR A 145 -17.48 -8.64 0.85
C TYR A 145 -18.45 -9.36 1.78
N PRO A 146 -18.27 -9.29 3.11
CA PRO A 146 -17.22 -8.56 3.84
C PRO A 146 -15.84 -9.19 3.77
N LYS A 147 -14.87 -8.48 4.37
CA LYS A 147 -13.45 -8.85 4.23
C LYS A 147 -13.12 -10.14 4.96
N ASP A 148 -13.77 -10.40 6.09
CA ASP A 148 -13.41 -11.55 6.91
C ASP A 148 -13.65 -12.84 6.13
N ILE A 149 -12.63 -13.67 6.04
CA ILE A 149 -12.71 -14.92 5.30
C ILE A 149 -11.60 -15.82 5.80
N ASN A 150 -11.93 -17.10 5.96
CA ASN A 150 -11.00 -18.11 6.46
C ASN A 150 -10.82 -19.15 5.36
N VAL A 151 -9.56 -19.52 5.10
CA VAL A 151 -9.24 -20.49 4.06
C VAL A 151 -8.60 -21.71 4.72
N LYS A 152 -9.10 -22.89 4.36
CA LYS A 152 -8.57 -24.17 4.81
C LYS A 152 -8.11 -24.96 3.59
N TRP A 153 -6.93 -25.55 3.67
CA TRP A 153 -6.40 -26.37 2.60
C TRP A 153 -6.55 -27.84 2.96
N LYS A 154 -6.86 -28.66 1.96
CA LYS A 154 -6.90 -30.11 2.15
C LYS A 154 -6.12 -30.76 1.02
N ILE A 155 -5.42 -31.83 1.36
CA ILE A 155 -4.73 -32.69 0.41
C ILE A 155 -5.32 -34.08 0.59
N ASP A 156 -5.92 -34.63 -0.46
CA ASP A 156 -6.59 -35.92 -0.38
C ASP A 156 -7.51 -35.98 0.83
N GLY A 157 -8.20 -34.87 1.09
CA GLY A 157 -9.19 -34.82 2.15
C GLY A 157 -8.66 -34.52 3.54
N SER A 158 -7.35 -34.52 3.74
N SER A 158 -7.36 -34.50 3.74
CA SER A 158 -6.77 -34.23 5.05
CA SER A 158 -6.77 -34.24 5.04
C SER A 158 -6.39 -32.75 5.14
C SER A 158 -6.36 -32.77 5.14
N GLU A 159 -6.62 -32.17 6.31
CA GLU A 159 -6.33 -30.75 6.50
C GLU A 159 -4.82 -30.53 6.47
N ARG A 160 -4.40 -29.52 5.72
CA ARG A 160 -2.98 -29.17 5.54
C ARG A 160 -2.80 -27.74 6.01
N GLN A 161 -2.04 -27.56 7.10
CA GLN A 161 -1.83 -26.24 7.68
C GLN A 161 -0.50 -25.62 7.27
N ASN A 162 0.57 -26.40 7.24
CA ASN A 162 1.91 -25.87 7.04
C ASN A 162 2.13 -25.49 5.58
N GLY A 163 2.78 -24.35 5.38
CA GLY A 163 3.11 -23.88 4.05
C GLY A 163 2.08 -22.98 3.41
N VAL A 164 1.14 -22.44 4.17
CA VAL A 164 0.04 -21.63 3.63
C VAL A 164 0.34 -20.16 3.87
N LEU A 165 0.19 -19.35 2.83
CA LEU A 165 0.36 -17.90 2.93
C LEU A 165 -0.85 -17.22 2.30
N ASN A 166 -1.42 -16.24 3.01
CA ASN A 166 -2.63 -15.56 2.60
C ASN A 166 -2.38 -14.06 2.48
N SER A 167 -2.85 -13.47 1.38
CA SER A 167 -2.63 -12.04 1.12
C SER A 167 -3.92 -11.40 0.62
N TRP A 168 -4.43 -10.43 1.39
CA TRP A 168 -5.59 -9.66 1.01
C TRP A 168 -5.19 -8.40 0.25
N THR A 169 -5.97 -8.03 -0.77
CA THR A 169 -5.85 -6.69 -1.32
C THR A 169 -6.46 -5.67 -0.36
N ASP A 170 -6.13 -4.41 -0.57
CA ASP A 170 -6.93 -3.35 0.03
C ASP A 170 -8.30 -3.32 -0.64
N GLN A 171 -9.22 -2.59 -0.03
CA GLN A 171 -10.55 -2.47 -0.61
C GLN A 171 -10.49 -1.75 -1.95
N ASP A 172 -11.25 -2.26 -2.92
CA ASP A 172 -11.27 -1.69 -4.26
C ASP A 172 -12.25 -0.52 -4.33
N SER A 173 -11.74 0.65 -4.71
CA SER A 173 -12.57 1.84 -4.78
C SER A 173 -13.64 1.78 -5.87
N LYS A 174 -13.55 0.82 -6.80
CA LYS A 174 -14.52 0.75 -7.88
C LYS A 174 -15.78 0.01 -7.45
N ASP A 175 -15.64 -1.13 -6.79
CA ASP A 175 -16.79 -1.93 -6.37
C ASP A 175 -16.81 -2.24 -4.88
N SER A 176 -15.85 -1.72 -4.11
CA SER A 176 -15.83 -1.83 -2.66
C SER A 176 -15.66 -3.27 -2.18
N THR A 177 -15.23 -4.18 -3.06
CA THR A 177 -14.98 -5.55 -2.63
C THR A 177 -13.51 -5.74 -2.26
N TYR A 178 -13.22 -6.93 -1.75
CA TYR A 178 -11.87 -7.39 -1.47
C TYR A 178 -11.57 -8.62 -2.31
N SER A 179 -10.29 -8.88 -2.52
CA SER A 179 -9.83 -10.14 -3.06
C SER A 179 -8.64 -10.61 -2.23
N MET A 180 -8.34 -11.91 -2.33
N MET A 180 -8.35 -11.91 -2.33
CA MET A 180 -7.23 -12.47 -1.59
CA MET A 180 -7.21 -12.46 -1.60
C MET A 180 -6.70 -13.70 -2.30
C MET A 180 -6.69 -13.68 -2.33
N SER A 181 -5.40 -13.94 -2.13
CA SER A 181 -4.75 -15.16 -2.60
C SER A 181 -4.39 -16.01 -1.39
N SER A 182 -4.54 -17.32 -1.55
CA SER A 182 -4.07 -18.29 -0.59
C SER A 182 -3.18 -19.25 -1.36
N THR A 183 -1.94 -19.42 -0.89
CA THR A 183 -0.94 -20.19 -1.62
C THR A 183 -0.34 -21.25 -0.71
N LEU A 184 -0.35 -22.49 -1.17
CA LEU A 184 0.24 -23.62 -0.47
C LEU A 184 1.50 -24.03 -1.21
N THR A 185 2.64 -23.96 -0.52
CA THR A 185 3.92 -24.28 -1.13
C THR A 185 4.44 -25.58 -0.54
N LEU A 186 4.73 -26.54 -1.43
CA LEU A 186 5.26 -27.84 -1.09
C LEU A 186 6.49 -28.08 -1.95
N THR A 187 7.16 -29.20 -1.70
CA THR A 187 8.19 -29.64 -2.62
C THR A 187 7.56 -30.39 -3.79
N LYS A 188 8.30 -30.51 -4.89
CA LYS A 188 7.81 -31.27 -6.04
C LYS A 188 7.45 -32.69 -5.63
N ASP A 189 8.37 -33.37 -4.95
CA ASP A 189 8.15 -34.78 -4.63
C ASP A 189 6.94 -34.93 -3.70
N GLU A 190 6.77 -34.00 -2.77
CA GLU A 190 5.60 -34.02 -1.90
C GLU A 190 4.33 -33.82 -2.71
N TYR A 191 4.32 -32.81 -3.57
CA TYR A 191 3.16 -32.54 -4.40
C TYR A 191 2.76 -33.75 -5.23
N GLU A 192 3.73 -34.44 -5.83
CA GLU A 192 3.44 -35.53 -6.75
C GLU A 192 3.04 -36.81 -6.05
N ARG A 193 3.01 -36.82 -4.72
CA ARG A 193 2.60 -37.99 -3.94
C ARG A 193 1.09 -38.06 -3.73
N HIS A 194 0.34 -37.01 -4.07
CA HIS A 194 -1.07 -36.92 -3.71
C HIS A 194 -1.90 -36.51 -4.91
N ASN A 195 -3.22 -36.72 -4.77
CA ASN A 195 -4.13 -36.65 -5.90
C ASN A 195 -4.95 -35.36 -5.93
N SER A 196 -5.66 -35.05 -4.85
N SER A 196 -5.67 -35.05 -4.86
CA SER A 196 -6.61 -33.96 -4.80
CA SER A 196 -6.61 -33.94 -4.84
C SER A 196 -6.06 -32.81 -3.97
C SER A 196 -6.09 -32.82 -3.96
N TYR A 197 -6.29 -31.59 -4.42
CA TYR A 197 -5.92 -30.37 -3.71
C TYR A 197 -7.14 -29.49 -3.62
N THR A 198 -7.45 -29.02 -2.42
CA THR A 198 -8.70 -28.33 -2.15
C THR A 198 -8.45 -27.07 -1.32
N CYS A 199 -8.99 -25.95 -1.76
N CYS A 199 -9.10 -25.98 -1.75
CA CYS A 199 -9.05 -24.78 -0.89
CA CYS A 199 -9.13 -24.69 -1.06
C CYS A 199 -10.51 -24.53 -0.54
C CYS A 199 -10.56 -24.47 -0.58
N GLU A 200 -10.74 -24.26 0.73
CA GLU A 200 -12.06 -24.24 1.35
C GLU A 200 -12.19 -22.94 2.11
N ALA A 201 -13.19 -22.13 1.75
CA ALA A 201 -13.35 -20.80 2.31
C ALA A 201 -14.62 -20.72 3.15
N THR A 202 -14.50 -20.18 4.36
CA THR A 202 -15.62 -19.88 5.22
C THR A 202 -15.90 -18.37 5.13
N HIS A 203 -17.11 -18.02 4.71
CA HIS A 203 -17.46 -16.63 4.44
C HIS A 203 -18.93 -16.41 4.77
N LYS A 204 -19.26 -15.16 5.12
CA LYS A 204 -20.63 -14.83 5.50
C LYS A 204 -21.64 -15.29 4.46
N THR A 205 -21.26 -15.28 3.19
CA THR A 205 -22.22 -15.51 2.11
C THR A 205 -22.61 -16.97 1.92
N SER A 206 -22.01 -17.91 2.65
CA SER A 206 -22.30 -19.32 2.47
C SER A 206 -22.50 -19.99 3.81
N THR A 207 -23.62 -20.71 3.96
CA THR A 207 -23.84 -21.47 5.19
C THR A 207 -22.83 -22.60 5.33
N SER A 208 -22.35 -23.13 4.20
CA SER A 208 -21.39 -24.21 4.13
C SER A 208 -20.07 -23.69 3.58
N PRO A 209 -18.97 -24.39 3.79
CA PRO A 209 -17.70 -23.97 3.19
C PRO A 209 -17.80 -23.91 1.68
N ILE A 210 -17.13 -22.90 1.11
CA ILE A 210 -17.05 -22.72 -0.33
C ILE A 210 -15.81 -23.49 -0.80
N VAL A 211 -16.02 -24.55 -1.56
CA VAL A 211 -15.00 -25.53 -1.89
C VAL A 211 -14.58 -25.35 -3.35
N LYS A 212 -13.28 -25.49 -3.59
CA LYS A 212 -12.72 -25.51 -4.94
C LYS A 212 -11.59 -26.51 -4.93
N SER A 213 -11.57 -27.40 -5.92
CA SER A 213 -10.61 -28.49 -5.92
C SER A 213 -10.18 -28.81 -7.34
N PHE A 214 -8.98 -29.37 -7.46
CA PHE A 214 -8.58 -30.05 -8.68
C PHE A 214 -7.97 -31.39 -8.30
N ASN A 215 -7.97 -32.29 -9.27
CA ASN A 215 -7.44 -33.63 -9.09
C ASN A 215 -6.44 -33.90 -10.21
N ARG A 216 -5.22 -34.27 -9.83
CA ARG A 216 -4.18 -34.52 -10.80
C ARG A 216 -4.54 -35.64 -11.77
N ASN A 217 -5.55 -36.45 -11.47
CA ASN A 217 -5.93 -37.58 -12.30
C ASN A 217 -7.04 -37.25 -13.29
N GLU A 218 -7.45 -35.99 -13.38
CA GLU A 218 -8.53 -35.60 -14.28
C GLU A 218 -8.00 -35.01 -15.59
N CYS A 219 -6.72 -35.22 -15.89
CA CYS A 219 -6.12 -34.75 -17.12
C CYS A 219 -5.98 -35.89 -18.12
N GLU B 1 0.22 23.07 -10.62
CA GLU B 1 1.38 22.61 -11.45
C GLU B 1 2.61 22.38 -10.59
N VAL B 2 2.47 22.48 -9.27
CA VAL B 2 3.58 22.16 -8.39
C VAL B 2 3.84 20.65 -8.45
N GLN B 3 5.09 20.27 -8.63
CA GLN B 3 5.48 18.87 -8.61
C GLN B 3 6.75 18.70 -7.78
N LEU B 4 6.74 17.67 -6.93
CA LEU B 4 7.90 17.25 -6.17
C LEU B 4 8.26 15.84 -6.62
N GLN B 5 9.40 15.69 -7.29
CA GLN B 5 9.81 14.39 -7.82
C GLN B 5 10.97 13.86 -6.98
N GLN B 6 10.73 12.77 -6.28
CA GLN B 6 11.75 12.19 -5.42
C GLN B 6 12.55 11.15 -6.19
N SER B 7 13.76 10.91 -5.70
CA SER B 7 14.65 9.94 -6.33
C SER B 7 14.13 8.53 -6.10
N GLY B 8 14.69 7.59 -6.84
CA GLY B 8 14.18 6.24 -6.91
C GLY B 8 14.46 5.44 -5.65
N PRO B 9 13.82 4.29 -5.55
CA PRO B 9 14.02 3.45 -4.36
C PRO B 9 15.42 2.88 -4.31
N VAL B 10 15.86 2.56 -3.09
CA VAL B 10 17.24 2.14 -2.86
C VAL B 10 17.26 0.99 -1.88
N LEU B 11 18.02 -0.05 -2.21
CA LEU B 11 18.39 -1.11 -1.27
C LEU B 11 19.79 -0.84 -0.76
N VAL B 12 19.95 -0.75 0.57
CA VAL B 12 21.22 -0.44 1.19
C VAL B 12 21.48 -1.38 2.36
N LYS B 13 22.76 -1.57 2.68
CA LYS B 13 23.17 -2.50 3.72
C LYS B 13 23.08 -1.83 5.09
N PRO B 14 22.80 -2.60 6.14
CA PRO B 14 22.87 -2.04 7.50
C PRO B 14 24.23 -1.40 7.73
N GLY B 15 24.22 -0.28 8.46
CA GLY B 15 25.43 0.44 8.78
C GLY B 15 25.85 1.46 7.75
N ALA B 16 25.31 1.39 6.54
CA ALA B 16 25.67 2.33 5.49
C ALA B 16 24.84 3.61 5.62
N SER B 17 25.07 4.53 4.69
CA SER B 17 24.30 5.76 4.58
C SER B 17 23.62 5.79 3.22
N VAL B 18 22.64 6.68 3.08
CA VAL B 18 21.95 6.86 1.81
C VAL B 18 21.49 8.30 1.73
N LYS B 19 21.57 8.88 0.54
CA LYS B 19 21.12 10.25 0.31
C LYS B 19 20.06 10.24 -0.80
N MET B 20 18.89 10.78 -0.49
CA MET B 20 17.79 10.85 -1.44
C MET B 20 17.47 12.30 -1.74
N SER B 21 16.81 12.52 -2.87
CA SER B 21 16.57 13.87 -3.35
C SER B 21 15.09 14.12 -3.58
N CYS B 22 14.75 15.41 -3.65
CA CYS B 22 13.39 15.87 -3.87
C CYS B 22 13.51 17.09 -4.78
N LYS B 23 13.13 16.92 -6.05
N LYS B 23 13.16 16.91 -6.06
CA LYS B 23 13.31 17.92 -7.09
CA LYS B 23 13.32 17.93 -7.09
C LYS B 23 12.00 18.69 -7.29
C LYS B 23 12.00 18.68 -7.26
N ALA B 24 12.05 19.99 -7.03
CA ALA B 24 10.86 20.84 -7.10
C ALA B 24 10.71 21.49 -8.46
N SER B 25 9.46 21.57 -8.92
N SER B 25 9.46 21.56 -8.95
CA SER B 25 9.11 22.17 -10.20
CA SER B 25 9.16 22.22 -10.20
C SER B 25 7.80 22.91 -10.07
C SER B 25 7.81 22.89 -10.10
N GLY B 26 7.63 23.96 -10.88
CA GLY B 26 6.37 24.66 -10.97
C GLY B 26 6.17 25.79 -9.99
N TYR B 27 7.21 26.20 -9.28
CA TYR B 27 7.13 27.31 -8.35
C TYR B 27 8.55 27.75 -8.01
N THR B 28 8.66 28.84 -7.23
CA THR B 28 9.95 29.37 -6.83
C THR B 28 10.45 28.61 -5.60
N PHE B 29 11.49 27.81 -5.79
CA PHE B 29 11.95 26.85 -4.78
C PHE B 29 12.18 27.52 -3.42
N THR B 30 12.72 28.73 -3.42
CA THR B 30 13.09 29.37 -2.16
C THR B 30 11.89 29.90 -1.39
N ASP B 31 10.70 29.91 -1.99
CA ASP B 31 9.55 30.56 -1.39
C ASP B 31 8.93 29.79 -0.22
N TYR B 32 9.22 28.48 -0.08
CA TYR B 32 8.47 27.64 0.85
C TYR B 32 9.34 26.60 1.54
N TYR B 33 9.13 26.46 2.86
CA TYR B 33 9.80 25.42 3.62
C TYR B 33 9.53 24.05 2.99
N MET B 34 10.50 23.15 3.12
CA MET B 34 10.34 21.77 2.70
C MET B 34 10.47 20.86 3.91
N ASN B 35 9.44 20.04 4.14
CA ASN B 35 9.41 19.06 5.20
C ASN B 35 9.76 17.67 4.65
N TRP B 36 10.16 16.79 5.56
CA TRP B 36 10.37 15.39 5.26
C TRP B 36 9.62 14.56 6.28
N VAL B 37 9.00 13.47 5.81
CA VAL B 37 8.10 12.64 6.61
C VAL B 37 8.45 11.18 6.36
N LYS B 38 8.50 10.40 7.45
CA LYS B 38 8.74 8.97 7.39
C LYS B 38 7.46 8.20 7.58
N GLN B 39 7.30 7.12 6.81
CA GLN B 39 6.19 6.19 7.03
C GLN B 39 6.73 4.76 6.93
N SER B 40 6.83 4.10 8.08
CA SER B 40 7.16 2.68 8.10
C SER B 40 5.97 1.86 7.65
N HIS B 41 6.25 0.70 7.06
CA HIS B 41 5.18 -0.11 6.48
C HIS B 41 4.09 -0.38 7.50
N GLY B 42 2.87 0.00 7.15
CA GLY B 42 1.72 -0.23 8.01
C GLY B 42 1.62 0.67 9.22
N LYS B 43 2.45 1.70 9.31
CA LYS B 43 2.51 2.56 10.48
C LYS B 43 2.09 3.98 10.12
N SER B 44 2.04 4.83 11.14
CA SER B 44 1.61 6.20 10.95
C SER B 44 2.74 7.04 10.35
N LEU B 45 2.42 8.29 10.05
CA LEU B 45 3.39 9.24 9.56
C LEU B 45 4.16 9.85 10.71
N GLU B 46 5.44 10.15 10.46
CA GLU B 46 6.29 10.81 11.44
C GLU B 46 7.00 11.98 10.77
N TRP B 47 6.99 13.13 11.44
CA TRP B 47 7.69 14.30 10.93
C TRP B 47 9.17 14.22 11.30
N ILE B 48 10.03 14.29 10.28
CA ILE B 48 11.47 14.20 10.48
C ILE B 48 12.09 15.56 10.76
N GLY B 49 11.80 16.53 9.90
CA GLY B 49 12.40 17.84 10.03
C GLY B 49 11.96 18.73 8.89
N VAL B 50 12.40 19.97 8.95
CA VAL B 50 12.07 20.96 7.94
C VAL B 50 13.33 21.78 7.62
N ILE B 51 13.42 22.20 6.36
CA ILE B 51 14.50 23.07 5.91
C ILE B 51 13.88 24.27 5.20
N ASN B 52 14.48 25.44 5.40
CA ASN B 52 14.13 26.62 4.63
C ASN B 52 15.08 26.70 3.44
N PRO B 53 14.63 26.41 2.22
CA PRO B 53 15.56 26.50 1.08
C PRO B 53 16.13 27.89 0.86
N TYR B 54 15.50 28.94 1.38
CA TYR B 54 16.00 30.29 1.18
C TYR B 54 17.40 30.45 1.78
N ASN B 55 17.61 29.90 2.97
CA ASN B 55 18.86 30.14 3.70
C ASN B 55 19.46 28.91 4.34
N GLY B 56 18.88 27.72 4.16
CA GLY B 56 19.42 26.51 4.71
C GLY B 56 19.11 26.24 6.16
N ASP B 57 18.32 27.11 6.81
CA ASP B 57 17.94 26.87 8.19
C ASP B 57 17.20 25.54 8.31
N THR B 58 17.46 24.82 9.40
CA THR B 58 16.82 23.53 9.62
C THR B 58 16.27 23.42 11.03
N SER B 59 15.31 22.51 11.18
CA SER B 59 14.73 22.17 12.47
C SER B 59 14.35 20.69 12.44
N TYR B 60 14.83 19.94 13.42
CA TYR B 60 14.69 18.49 13.43
C TYR B 60 13.80 18.00 14.56
N ASN B 61 13.01 16.96 14.27
CA ASN B 61 12.49 16.07 15.29
C ASN B 61 13.65 15.39 15.99
N GLN B 62 13.75 15.55 17.31
CA GLN B 62 14.91 15.01 18.01
C GLN B 62 15.01 13.50 17.88
N LYS B 63 13.92 12.82 17.54
CA LYS B 63 13.99 11.38 17.28
C LYS B 63 14.94 11.08 16.13
N PHE B 64 15.10 12.00 15.19
CA PHE B 64 15.94 11.80 14.01
C PHE B 64 17.23 12.61 14.07
N LYS B 65 17.51 13.23 15.21
CA LYS B 65 18.78 13.93 15.40
C LYS B 65 19.92 12.92 15.33
N GLY B 66 20.90 13.20 14.48
CA GLY B 66 21.97 12.27 14.23
C GLY B 66 21.62 11.12 13.33
N LYS B 67 20.37 11.04 12.86
CA LYS B 67 19.96 10.06 11.86
C LYS B 67 19.78 10.70 10.49
N ALA B 68 19.12 11.85 10.43
CA ALA B 68 18.76 12.51 9.19
C ALA B 68 19.41 13.88 9.13
N THR B 69 19.95 14.21 7.96
CA THR B 69 20.52 15.51 7.67
C THR B 69 19.83 16.08 6.44
N LEU B 70 19.27 17.28 6.59
CA LEU B 70 18.57 17.96 5.50
C LEU B 70 19.45 19.02 4.88
N THR B 71 19.48 19.07 3.54
CA THR B 71 20.19 20.11 2.81
C THR B 71 19.37 20.49 1.59
N VAL B 72 19.78 21.58 0.93
CA VAL B 72 19.23 21.98 -0.35
C VAL B 72 20.39 22.40 -1.25
N ASP B 73 20.13 22.31 -2.56
CA ASP B 73 20.93 23.00 -3.56
C ASP B 73 19.99 23.97 -4.27
N LYS B 74 20.20 25.27 -4.04
CA LYS B 74 19.27 26.27 -4.59
C LYS B 74 19.30 26.26 -6.11
N SER B 75 20.50 26.16 -6.71
CA SER B 75 20.61 26.30 -8.16
C SER B 75 19.86 25.19 -8.89
N SER B 76 19.76 24.01 -8.28
CA SER B 76 19.08 22.87 -8.90
C SER B 76 17.68 22.67 -8.35
N SER B 77 17.19 23.57 -7.50
CA SER B 77 15.85 23.50 -6.93
C SER B 77 15.57 22.12 -6.35
N THR B 78 16.54 21.61 -5.61
CA THR B 78 16.49 20.24 -5.09
C THR B 78 16.80 20.22 -3.60
N ALA B 79 15.96 19.50 -2.85
CA ALA B 79 16.17 19.22 -1.44
C ALA B 79 16.67 17.78 -1.28
N TYR B 80 17.53 17.59 -0.28
CA TYR B 80 18.13 16.30 -0.03
C TYR B 80 17.96 15.91 1.43
N MET B 81 17.84 14.60 1.66
CA MET B 81 17.91 14.03 3.00
C MET B 81 18.90 12.89 2.98
N GLU B 82 19.86 12.91 3.90
CA GLU B 82 20.83 11.86 4.06
C GLU B 82 20.59 11.15 5.39
N LEU B 83 20.45 9.83 5.34
CA LEU B 83 20.28 8.99 6.51
C LEU B 83 21.57 8.21 6.72
N ASN B 84 22.01 8.12 7.97
CA ASN B 84 23.25 7.43 8.29
C ASN B 84 22.99 6.30 9.29
N SER B 85 23.97 5.40 9.39
CA SER B 85 23.97 4.32 10.37
C SER B 85 22.69 3.50 10.28
N LEU B 86 22.38 3.07 9.06
CA LEU B 86 21.07 2.50 8.77
C LEU B 86 20.87 1.17 9.49
N THR B 87 19.66 1.00 10.03
CA THR B 87 19.21 -0.26 10.61
C THR B 87 17.88 -0.63 9.95
N SER B 88 17.41 -1.85 10.23
CA SER B 88 16.13 -2.31 9.70
C SER B 88 15.01 -1.32 10.03
N GLU B 89 15.09 -0.63 11.17
CA GLU B 89 14.07 0.34 11.53
C GLU B 89 14.01 1.51 10.55
N ASP B 90 15.08 1.74 9.79
CA ASP B 90 15.09 2.83 8.82
C ASP B 90 14.45 2.44 7.49
N SER B 91 14.11 1.18 7.29
CA SER B 91 13.35 0.76 6.12
C SER B 91 11.96 1.38 6.17
N ALA B 92 11.64 2.19 5.16
CA ALA B 92 10.39 2.96 5.17
C ALA B 92 10.25 3.65 3.83
N VAL B 93 9.08 4.22 3.61
CA VAL B 93 8.90 5.22 2.56
C VAL B 93 9.15 6.59 3.18
N TYR B 94 9.94 7.41 2.49
CA TYR B 94 10.25 8.76 2.93
C TYR B 94 9.67 9.73 1.92
N TYR B 95 8.91 10.71 2.42
CA TYR B 95 8.30 11.73 1.60
C TYR B 95 8.94 13.08 1.86
N CYS B 96 9.11 13.87 0.81
CA CYS B 96 9.23 15.30 0.97
C CYS B 96 7.85 15.91 0.81
N ALA B 97 7.59 16.99 1.53
CA ALA B 97 6.26 17.60 1.53
C ALA B 97 6.42 19.09 1.78
N ARG B 98 5.82 19.90 0.90
CA ARG B 98 6.09 21.32 0.86
C ARG B 98 5.03 22.14 1.59
N TYR B 99 5.51 23.14 2.33
CA TYR B 99 4.69 24.10 3.04
C TYR B 99 3.97 25.02 2.07
N TYR B 100 2.79 25.48 2.50
CA TYR B 100 1.98 26.43 1.74
C TYR B 100 1.05 27.15 2.71
N GLY B 101 1.62 27.71 3.78
CA GLY B 101 0.83 28.16 4.91
C GLY B 101 0.41 26.96 5.74
N SER B 102 -0.24 26.00 5.08
CA SER B 102 -0.38 24.66 5.62
C SER B 102 0.96 23.95 5.55
N TRP B 103 1.10 22.89 6.37
CA TRP B 103 2.41 22.27 6.54
C TRP B 103 2.81 21.43 5.34
N PHE B 104 1.90 20.56 4.86
CA PHE B 104 2.23 19.59 3.81
C PHE B 104 1.20 19.67 2.67
N ALA B 105 1.23 20.79 1.92
CA ALA B 105 0.24 20.99 0.87
C ALA B 105 0.54 20.18 -0.38
N TYR B 106 1.81 19.93 -0.67
CA TYR B 106 2.23 19.15 -1.84
C TYR B 106 3.22 18.09 -1.38
N TRP B 107 3.01 16.86 -1.84
CA TRP B 107 3.85 15.73 -1.45
C TRP B 107 4.56 15.13 -2.66
N GLY B 108 5.80 14.71 -2.46
CA GLY B 108 6.46 13.86 -3.42
C GLY B 108 5.79 12.50 -3.47
N GLN B 109 6.25 11.68 -4.41
CA GLN B 109 5.72 10.33 -4.53
C GLN B 109 6.37 9.34 -3.57
N GLY B 110 7.37 9.78 -2.80
CA GLY B 110 8.02 8.94 -1.83
C GLY B 110 9.21 8.19 -2.41
N THR B 111 10.18 7.91 -1.54
CA THR B 111 11.33 7.08 -1.85
C THR B 111 11.34 5.89 -0.89
N LEU B 112 11.29 4.68 -1.44
CA LEU B 112 11.32 3.46 -0.64
C LEU B 112 12.76 3.06 -0.36
N ILE B 113 13.12 3.05 0.93
CA ILE B 113 14.43 2.60 1.37
C ILE B 113 14.26 1.22 2.01
N THR B 114 15.04 0.25 1.53
CA THR B 114 15.11 -1.07 2.13
C THR B 114 16.51 -1.28 2.70
N VAL B 115 16.58 -1.54 4.01
CA VAL B 115 17.84 -1.80 4.70
C VAL B 115 17.92 -3.29 4.96
N SER B 116 18.85 -3.96 4.28
CA SER B 116 18.92 -5.41 4.34
C SER B 116 20.25 -5.87 3.77
N THR B 117 20.72 -7.01 4.25
CA THR B 117 21.91 -7.64 3.69
C THR B 117 21.61 -8.50 2.47
N ALA B 118 20.34 -8.80 2.22
CA ALA B 118 19.97 -9.65 1.09
C ALA B 118 20.31 -8.98 -0.24
N LYS B 119 20.60 -9.79 -1.24
CA LYS B 119 21.01 -9.26 -2.53
C LYS B 119 19.82 -9.12 -3.48
N THR B 120 19.97 -8.23 -4.44
CA THR B 120 18.97 -8.09 -5.48
C THR B 120 18.79 -9.42 -6.21
N THR B 121 17.55 -9.86 -6.35
CA THR B 121 17.26 -11.15 -6.95
C THR B 121 16.03 -11.00 -7.85
N PRO B 122 16.14 -11.31 -9.14
CA PRO B 122 14.98 -11.20 -10.02
C PRO B 122 13.97 -12.30 -9.73
N PRO B 123 12.72 -12.11 -10.09
CA PRO B 123 11.71 -13.14 -9.80
C PRO B 123 11.73 -14.29 -10.80
N SER B 124 11.26 -15.44 -10.33
CA SER B 124 10.78 -16.50 -11.20
C SER B 124 9.30 -16.23 -11.48
N VAL B 125 8.90 -16.37 -12.73
CA VAL B 125 7.52 -16.11 -13.15
C VAL B 125 6.92 -17.43 -13.63
N TYR B 126 5.81 -17.83 -13.00
CA TYR B 126 5.19 -19.10 -13.28
C TYR B 126 3.76 -18.90 -13.75
N PRO B 127 3.32 -19.58 -14.82
CA PRO B 127 1.94 -19.43 -15.28
C PRO B 127 0.99 -20.22 -14.40
N LEU B 128 -0.17 -19.61 -14.12
CA LEU B 128 -1.25 -20.26 -13.38
C LEU B 128 -2.40 -20.48 -14.36
N ALA B 129 -2.53 -21.71 -14.87
CA ALA B 129 -3.63 -22.07 -15.74
C ALA B 129 -4.52 -23.10 -15.05
N PRO B 130 -5.81 -23.09 -15.32
CA PRO B 130 -6.72 -24.02 -14.63
C PRO B 130 -6.30 -25.47 -14.86
N GLY B 131 -6.68 -26.32 -13.89
CA GLY B 131 -6.45 -27.74 -14.02
C GLY B 131 -7.34 -28.37 -15.07
N CYS B 132 -7.57 -29.67 -14.95
CA CYS B 132 -8.32 -30.39 -15.97
C CYS B 132 -9.73 -30.71 -15.50
N ALA B 135 -14.47 -24.11 -17.43
CA ALA B 135 -14.62 -25.34 -18.21
C ALA B 135 -15.82 -25.19 -19.14
N THR B 136 -17.02 -25.27 -18.59
CA THR B 136 -18.24 -24.96 -19.30
C THR B 136 -18.71 -23.53 -19.06
N GLY B 137 -17.99 -22.77 -18.23
CA GLY B 137 -18.39 -21.42 -17.88
C GLY B 137 -18.00 -20.40 -18.93
N SER B 138 -18.57 -19.21 -18.77
CA SER B 138 -18.41 -18.15 -19.76
C SER B 138 -17.20 -17.27 -19.52
N SER B 139 -16.53 -17.43 -18.38
CA SER B 139 -15.30 -16.70 -18.10
C SER B 139 -14.27 -17.69 -17.57
N VAL B 140 -13.02 -17.28 -17.62
CA VAL B 140 -11.92 -18.09 -17.11
C VAL B 140 -10.94 -17.15 -16.42
N THR B 141 -10.46 -17.57 -15.26
CA THR B 141 -9.45 -16.81 -14.53
C THR B 141 -8.11 -17.50 -14.70
N LEU B 142 -7.10 -16.71 -15.02
CA LEU B 142 -5.72 -17.13 -15.17
C LEU B 142 -4.88 -16.33 -14.20
N GLY B 143 -3.61 -16.69 -14.07
CA GLY B 143 -2.75 -15.95 -13.18
C GLY B 143 -1.29 -16.12 -13.51
N CYS B 144 -0.46 -15.33 -12.82
CA CYS B 144 0.98 -15.50 -12.81
C CYS B 144 1.47 -15.39 -11.38
N LEU B 145 2.31 -16.35 -10.98
CA LEU B 145 2.98 -16.37 -9.70
C LEU B 145 4.38 -15.80 -9.87
N VAL B 146 4.71 -14.80 -9.06
CA VAL B 146 5.95 -14.06 -9.17
C VAL B 146 6.71 -14.32 -7.88
N LYS B 147 7.72 -15.19 -7.93
CA LYS B 147 8.27 -15.81 -6.73
C LYS B 147 9.77 -15.56 -6.61
N GLY B 148 10.21 -15.32 -5.38
CA GLY B 148 11.61 -15.35 -5.05
C GLY B 148 12.42 -14.14 -5.43
N TYR B 149 11.84 -12.95 -5.37
CA TYR B 149 12.54 -11.74 -5.77
C TYR B 149 12.86 -10.87 -4.56
N PHE B 150 13.80 -9.94 -4.79
CA PHE B 150 14.20 -8.99 -3.77
C PHE B 150 14.95 -7.85 -4.43
N PRO B 151 14.76 -6.60 -4.02
CA PRO B 151 13.78 -6.12 -3.03
C PRO B 151 12.44 -5.97 -3.69
N GLU B 152 11.46 -5.38 -3.01
CA GLU B 152 10.28 -4.86 -3.70
C GLU B 152 10.71 -3.74 -4.64
N SER B 153 9.89 -3.48 -5.66
CA SER B 153 8.62 -4.12 -5.97
C SER B 153 8.62 -4.70 -7.38
N VAL B 154 7.48 -5.25 -7.79
CA VAL B 154 7.27 -5.70 -9.15
C VAL B 154 5.94 -5.15 -9.65
N THR B 155 5.81 -5.11 -10.98
CA THR B 155 4.56 -4.72 -11.62
C THR B 155 4.21 -5.79 -12.64
N VAL B 156 2.98 -6.31 -12.55
CA VAL B 156 2.48 -7.35 -13.45
C VAL B 156 1.42 -6.75 -14.33
N THR B 157 1.59 -6.88 -15.65
CA THR B 157 0.61 -6.44 -16.62
C THR B 157 0.19 -7.60 -17.50
N TRP B 158 -0.97 -7.44 -18.15
CA TRP B 158 -1.59 -8.50 -18.94
C TRP B 158 -1.95 -7.97 -20.31
N ASN B 159 -1.83 -8.82 -21.34
CA ASN B 159 -2.21 -8.47 -22.70
C ASN B 159 -3.65 -8.84 -23.03
N SER B 160 -4.52 -8.94 -22.03
CA SER B 160 -5.92 -9.24 -22.24
C SER B 160 -6.68 -8.00 -22.71
N GLY B 161 -7.82 -8.23 -23.34
CA GLY B 161 -8.69 -7.15 -23.76
C GLY B 161 -9.20 -6.35 -22.59
N SER B 162 -8.96 -5.04 -22.58
CA SER B 162 -9.33 -4.21 -21.44
C SER B 162 -10.84 -4.21 -21.23
N LEU B 163 -11.60 -4.16 -22.32
CA LEU B 163 -13.06 -4.09 -22.21
C LEU B 163 -13.67 -5.40 -21.69
N SER B 164 -12.92 -6.51 -21.76
CA SER B 164 -13.51 -7.81 -21.47
C SER B 164 -12.70 -8.60 -20.45
N SER B 165 -11.91 -7.93 -19.61
CA SER B 165 -11.09 -8.64 -18.65
C SER B 165 -10.93 -7.79 -17.39
N SER B 166 -10.58 -8.46 -16.29
CA SER B 166 -10.43 -7.83 -14.99
C SER B 166 -9.21 -8.42 -14.27
N VAL B 167 -8.45 -7.56 -13.61
CA VAL B 167 -7.15 -7.90 -13.05
C VAL B 167 -7.15 -7.64 -11.55
N HIS B 168 -6.49 -8.53 -10.81
CA HIS B 168 -6.25 -8.32 -9.39
C HIS B 168 -4.76 -8.50 -9.11
N THR B 169 -4.20 -7.64 -8.26
CA THR B 169 -2.79 -7.67 -7.89
C THR B 169 -2.71 -7.93 -6.39
N PHE B 170 -2.04 -8.99 -6.01
CA PHE B 170 -2.03 -9.30 -4.58
C PHE B 170 -0.74 -8.85 -3.94
N PRO B 171 -0.81 -8.19 -2.78
CA PRO B 171 0.43 -7.71 -2.16
C PRO B 171 1.39 -8.85 -1.87
N ALA B 172 2.68 -8.55 -2.01
CA ALA B 172 3.72 -9.54 -1.81
C ALA B 172 3.90 -9.86 -0.33
N LEU B 173 4.30 -11.10 -0.07
CA LEU B 173 4.70 -11.55 1.25
C LEU B 173 6.13 -12.04 1.23
N LEU B 174 6.81 -11.91 2.37
CA LEU B 174 8.15 -12.45 2.54
C LEU B 174 8.06 -13.95 2.77
N GLN B 175 8.97 -14.69 2.14
CA GLN B 175 8.96 -16.16 2.25
C GLN B 175 10.40 -16.62 2.07
N SER B 176 11.04 -17.00 3.18
CA SER B 176 12.43 -17.46 3.17
C SER B 176 13.37 -16.34 2.70
N GLY B 177 13.11 -15.12 3.16
CA GLY B 177 13.94 -13.98 2.83
C GLY B 177 13.69 -13.38 1.47
N LEU B 178 12.72 -13.89 0.71
CA LEU B 178 12.40 -13.37 -0.62
C LEU B 178 10.91 -13.11 -0.73
N TYR B 179 10.55 -12.20 -1.62
CA TYR B 179 9.15 -11.84 -1.80
C TYR B 179 8.47 -12.75 -2.82
N THR B 180 7.17 -12.94 -2.63
CA THR B 180 6.32 -13.67 -3.56
C THR B 180 5.00 -12.94 -3.67
N MET B 181 4.54 -12.72 -4.90
CA MET B 181 3.22 -12.16 -5.15
C MET B 181 2.60 -12.89 -6.33
N SER B 182 1.32 -12.61 -6.58
CA SER B 182 0.64 -13.14 -7.74
C SER B 182 -0.34 -12.10 -8.28
N SER B 183 -0.83 -12.36 -9.48
CA SER B 183 -1.77 -11.50 -10.17
C SER B 183 -2.73 -12.41 -10.91
N SER B 184 -4.01 -12.04 -10.92
CA SER B 184 -5.01 -12.81 -11.65
C SER B 184 -5.64 -11.93 -12.73
N VAL B 185 -6.07 -12.59 -13.80
CA VAL B 185 -6.82 -11.95 -14.87
C VAL B 185 -7.99 -12.86 -15.21
N THR B 186 -9.13 -12.27 -15.51
CA THR B 186 -10.32 -13.01 -15.91
C THR B 186 -10.70 -12.54 -17.31
N VAL B 187 -10.89 -13.49 -18.22
CA VAL B 187 -11.24 -13.18 -19.61
C VAL B 187 -12.41 -14.08 -20.01
N PRO B 188 -13.09 -13.72 -21.11
CA PRO B 188 -14.16 -14.60 -21.60
C PRO B 188 -13.60 -15.94 -22.05
N SER B 189 -14.31 -17.02 -21.71
CA SER B 189 -13.83 -18.35 -22.08
C SER B 189 -13.83 -18.55 -23.59
N SER B 190 -14.66 -17.82 -24.33
CA SER B 190 -14.64 -17.94 -25.78
C SER B 190 -13.32 -17.47 -26.37
N THR B 191 -12.55 -16.69 -25.63
CA THR B 191 -11.29 -16.13 -26.14
C THR B 191 -10.07 -16.97 -25.77
N TRP B 192 -10.22 -17.98 -24.93
CA TRP B 192 -9.07 -18.71 -24.42
C TRP B 192 -9.32 -20.21 -24.52
N PRO B 193 -8.34 -20.99 -24.98
CA PRO B 193 -6.96 -20.61 -25.33
C PRO B 193 -6.76 -20.04 -26.73
N SER B 194 -7.80 -19.82 -27.55
CA SER B 194 -7.57 -19.38 -28.91
C SER B 194 -6.73 -18.10 -28.96
N GLN B 195 -7.03 -17.14 -28.09
CA GLN B 195 -6.30 -15.87 -28.06
C GLN B 195 -5.25 -15.91 -26.96
N THR B 196 -4.02 -15.56 -27.30
CA THR B 196 -2.92 -15.67 -26.36
C THR B 196 -3.10 -14.71 -25.19
N VAL B 197 -2.83 -15.21 -23.99
CA VAL B 197 -2.80 -14.40 -22.78
C VAL B 197 -1.40 -14.50 -22.19
N THR B 198 -0.77 -13.35 -21.95
CA THR B 198 0.60 -13.28 -21.46
C THR B 198 0.66 -12.27 -20.33
N CYS B 199 1.33 -12.64 -19.24
CA CYS B 199 1.65 -11.69 -18.18
C CYS B 199 3.08 -11.18 -18.39
N SER B 200 3.25 -9.87 -18.24
CA SER B 200 4.55 -9.22 -18.29
C SER B 200 4.91 -8.78 -16.89
N VAL B 201 6.09 -9.15 -16.42
CA VAL B 201 6.51 -8.91 -15.04
C VAL B 201 7.76 -8.04 -15.07
N ALA B 202 7.67 -6.86 -14.48
CA ALA B 202 8.77 -5.92 -14.40
C ALA B 202 9.28 -5.88 -12.96
N HIS B 203 10.60 -6.00 -12.80
CA HIS B 203 11.26 -5.91 -11.50
C HIS B 203 12.35 -4.86 -11.66
N PRO B 204 12.05 -3.58 -11.42
CA PRO B 204 13.01 -2.52 -11.75
C PRO B 204 14.37 -2.69 -11.09
N ALA B 205 14.42 -3.22 -9.87
CA ALA B 205 15.68 -3.29 -9.14
C ALA B 205 16.69 -4.18 -9.86
N SER B 206 16.22 -5.21 -10.56
CA SER B 206 17.09 -6.06 -11.38
C SER B 206 17.00 -5.70 -12.86
N SER B 207 16.18 -4.69 -13.21
CA SER B 207 15.99 -4.26 -14.59
C SER B 207 15.59 -5.42 -15.50
N THR B 208 14.71 -6.28 -14.99
CA THR B 208 14.19 -7.38 -15.77
C THR B 208 12.74 -7.12 -16.15
N THR B 209 12.38 -7.60 -17.35
CA THR B 209 11.03 -7.53 -17.90
C THR B 209 10.81 -8.87 -18.59
N VAL B 210 10.06 -9.75 -17.95
N VAL B 210 10.07 -9.76 -17.95
CA VAL B 210 9.88 -11.13 -18.39
CA VAL B 210 9.89 -11.12 -18.41
C VAL B 210 8.41 -11.36 -18.72
C VAL B 210 8.41 -11.36 -18.72
N ASP B 211 8.17 -12.09 -19.80
CA ASP B 211 6.82 -12.49 -20.20
C ASP B 211 6.63 -13.98 -19.97
N LYS B 212 5.43 -14.37 -19.56
CA LYS B 212 5.06 -15.78 -19.49
C LYS B 212 3.73 -15.97 -20.20
N LYS B 213 3.73 -16.82 -21.23
CA LYS B 213 2.52 -17.19 -21.94
C LYS B 213 1.73 -18.21 -21.13
N LEU B 214 0.42 -18.01 -21.07
CA LEU B 214 -0.48 -18.93 -20.37
C LEU B 214 -0.89 -20.04 -21.33
N GLU B 215 -0.60 -21.28 -20.94
CA GLU B 215 -0.94 -22.46 -21.73
C GLU B 215 -1.93 -23.33 -20.97
N PRO B 216 -2.88 -23.97 -21.66
CA PRO B 216 -3.79 -24.89 -20.95
C PRO B 216 -3.04 -25.98 -20.19
N ALA C 1 11.13 23.11 21.31
CA ALA C 1 12.13 23.79 20.42
C ALA C 1 11.46 24.87 19.58
N CYS C 2 12.29 25.74 19.00
CA CYS C 2 11.78 26.83 18.19
C CYS C 2 11.03 26.31 16.97
N ASN C 3 9.83 26.85 16.75
CA ASN C 3 8.98 26.46 15.63
C ASN C 3 9.40 27.28 14.41
N LEU C 4 10.27 26.70 13.58
CA LEU C 4 10.84 27.45 12.46
C LEU C 4 9.76 27.91 11.48
N ILE C 5 8.78 27.05 11.21
CA ILE C 5 7.76 27.38 10.22
C ILE C 5 6.94 28.58 10.67
N VAL C 6 6.65 28.68 11.98
CA VAL C 6 5.85 29.78 12.46
C VAL C 6 6.71 31.03 12.66
N GLU C 7 7.90 30.86 13.25
CA GLU C 7 8.72 32.02 13.62
C GLU C 7 9.52 32.56 12.44
N GLY C 8 9.81 31.72 11.45
CA GLY C 8 10.64 32.11 10.33
C GLY C 8 12.12 32.18 10.63
N HIS C 9 12.51 32.30 11.90
CA HIS C 9 13.91 32.30 12.28
C HIS C 9 14.03 31.67 13.67
N CYS C 10 15.14 30.97 13.89
CA CYS C 10 15.40 30.34 15.17
C CYS C 10 16.85 30.54 15.59
#